data_3MND
#
_entry.id   3MND
#
_cell.length_a   42.171
_cell.length_b   53.798
_cell.length_c   117.264
_cell.angle_alpha   90.00
_cell.angle_beta   90.00
_cell.angle_gamma   90.00
#
_symmetry.space_group_name_H-M   'P 21 21 21'
#
loop_
_entity.id
_entity.type
_entity.pdbx_description
1 polymer 'Superoxide dismutase [Cu-Zn]'
2 non-polymer 'ZINC ION'
3 non-polymer 'COPPER (II) ION'
4 non-polymer GLYCEROL
5 water water
#
_entity_poly.entity_id   1
_entity_poly.type   'polypeptide(L)'
_entity_poly.pdbx_seq_one_letter_code
;MKAVCVMRGEEGVKGVVHFTQAGDAVKVHAEFEGLKPGKHGFHVHEFGDTTQGCTSAGAHFNPHGKNHGAPDAAERHVGD
LGNVTAGADGKATLDLTDKMISLTGEHSVIGRSLVIHVDPDDLGLGGHELSLITGNAGGRVACGIIGIAKSE
;
_entity_poly.pdbx_strand_id   A,B
#
# COMPACT_ATOMS: atom_id res chain seq x y z
N MET A 1 -16.67 1.43 3.99
CA MET A 1 -15.35 0.95 3.63
C MET A 1 -14.54 2.10 3.03
N LYS A 2 -13.35 2.33 3.54
CA LYS A 2 -12.53 3.42 3.01
C LYS A 2 -11.13 3.01 2.65
N ALA A 3 -10.52 3.79 1.77
CA ALA A 3 -9.17 3.50 1.33
C ALA A 3 -8.49 4.82 1.04
N VAL A 4 -7.16 4.84 1.18
CA VAL A 4 -6.39 6.04 0.96
C VAL A 4 -5.12 5.76 0.18
N CYS A 5 -4.69 6.71 -0.62
CA CYS A 5 -3.47 6.55 -1.39
C CYS A 5 -2.73 7.88 -1.45
N VAL A 6 -1.55 7.90 -0.85
CA VAL A 6 -0.70 9.10 -0.90
C VAL A 6 0.26 8.95 -2.07
N MET A 7 0.18 9.88 -3.02
CA MET A 7 0.97 9.79 -4.23
C MET A 7 2.14 10.74 -4.24
N ARG A 8 3.22 10.32 -4.88
CA ARG A 8 4.52 10.98 -4.76
C ARG A 8 5.34 10.67 -5.99
N GLY A 9 6.23 11.58 -6.36
CA GLY A 9 7.07 11.35 -7.51
C GLY A 9 8.03 12.48 -7.79
N GLU A 10 8.05 12.93 -9.03
CA GLU A 10 8.97 13.98 -9.45
C GLU A 10 8.88 15.17 -8.50
N GLU A 11 9.96 15.93 -8.41
CA GLU A 11 10.04 17.10 -7.53
C GLU A 11 8.78 17.98 -7.55
N GLY A 12 8.21 18.19 -6.37
CA GLY A 12 7.06 19.06 -6.21
C GLY A 12 5.70 18.40 -6.24
N VAL A 13 5.58 17.33 -7.02
CA VAL A 13 4.30 16.66 -7.20
C VAL A 13 3.81 15.96 -5.92
N LYS A 14 2.70 16.45 -5.39
CA LYS A 14 2.05 15.81 -4.25
C LYS A 14 0.65 15.39 -4.69
N GLY A 15 0.07 14.42 -3.98
CA GLY A 15 -1.27 13.94 -4.30
C GLY A 15 -1.86 13.08 -3.20
N VAL A 16 -3.13 13.32 -2.87
CA VAL A 16 -3.85 12.46 -1.93
C VAL A 16 -5.18 12.06 -2.55
N VAL A 17 -5.49 10.78 -2.46
CA VAL A 17 -6.70 10.24 -3.08
C VAL A 17 -7.45 9.35 -2.10
N HIS A 18 -8.68 9.74 -1.78
CA HIS A 18 -9.53 8.96 -0.90
C HIS A 18 -10.56 8.14 -1.65
N PHE A 19 -10.76 6.91 -1.20
CA PHE A 19 -11.79 6.04 -1.75
C PHE A 19 -12.88 5.79 -0.71
N THR A 20 -14.15 5.85 -1.14
CA THR A 20 -15.24 5.47 -0.26
C THR A 20 -16.22 4.61 -1.02
N GLN A 21 -16.46 3.38 -0.55
CA GLN A 21 -17.37 2.48 -1.23
C GLN A 21 -18.73 2.39 -0.55
N ALA A 22 -19.77 2.50 -1.36
CA ALA A 22 -21.09 2.21 -0.89
C ALA A 22 -21.78 1.39 -1.96
N GLY A 23 -22.16 0.16 -1.62
CA GLY A 23 -22.76 -0.75 -2.58
C GLY A 23 -21.71 -1.06 -3.62
N ASP A 24 -22.07 -0.96 -4.89
CA ASP A 24 -21.13 -1.24 -5.97
C ASP A 24 -20.43 0.04 -6.46
N ALA A 25 -20.63 1.15 -5.75
CA ALA A 25 -20.16 2.44 -6.20
C ALA A 25 -19.02 2.95 -5.33
N VAL A 26 -17.87 3.19 -5.96
CA VAL A 26 -16.72 3.72 -5.25
C VAL A 26 -16.52 5.19 -5.61
N LYS A 27 -16.52 6.04 -4.60
CA LYS A 27 -16.28 7.45 -4.79
C LYS A 27 -14.80 7.71 -4.68
N VAL A 28 -14.22 8.25 -5.73
CA VAL A 28 -12.79 8.53 -5.77
C VAL A 28 -12.54 10.03 -5.72
N HIS A 29 -11.95 10.49 -4.62
CA HIS A 29 -11.71 11.91 -4.43
C HIS A 29 -10.21 12.22 -4.41
N ALA A 30 -9.76 13.05 -5.34
CA ALA A 30 -8.33 13.32 -5.49
C ALA A 30 -7.98 14.79 -5.45
N GLU A 31 -6.87 15.09 -4.77
N GLU A 31 -6.90 15.10 -4.74
CA GLU A 31 -6.31 16.44 -4.73
CA GLU A 31 -6.30 16.42 -4.76
C GLU A 31 -4.81 16.37 -5.07
C GLU A 31 -4.82 16.29 -5.14
N PHE A 32 -4.42 17.06 -6.14
CA PHE A 32 -3.03 17.08 -6.58
C PHE A 32 -2.45 18.51 -6.61
N GLU A 33 -1.13 18.60 -6.43
CA GLU A 33 -0.39 19.82 -6.75
C GLU A 33 0.88 19.47 -7.56
N GLY A 34 1.54 20.50 -8.09
CA GLY A 34 2.78 20.29 -8.80
C GLY A 34 2.71 19.63 -10.17
N LEU A 35 1.52 19.49 -10.74
CA LEU A 35 1.40 18.90 -12.09
C LEU A 35 1.59 19.97 -13.16
N LYS A 36 2.01 19.53 -14.35
CA LYS A 36 1.95 20.39 -15.53
C LYS A 36 0.47 20.54 -15.93
N PRO A 37 0.09 21.72 -16.42
CA PRO A 37 -1.31 21.97 -16.80
C PRO A 37 -1.79 20.99 -17.88
N GLY A 38 -3.06 20.62 -17.83
CA GLY A 38 -3.64 19.76 -18.86
C GLY A 38 -3.95 18.37 -18.34
N LYS A 39 -4.42 17.48 -19.20
CA LYS A 39 -4.92 16.19 -18.76
C LYS A 39 -3.81 15.19 -18.48
N HIS A 40 -4.00 14.43 -17.41
CA HIS A 40 -3.07 13.37 -17.05
C HIS A 40 -3.81 12.04 -16.85
N GLY A 41 -3.41 11.02 -17.60
CA GLY A 41 -3.94 9.68 -17.40
C GLY A 41 -3.83 9.24 -15.93
N PHE A 42 -4.84 8.51 -15.48
CA PHE A 42 -5.00 8.25 -14.06
C PHE A 42 -5.60 6.86 -13.91
N HIS A 43 -4.77 5.90 -13.52
CA HIS A 43 -5.18 4.50 -13.52
C HIS A 43 -4.74 3.76 -12.26
N VAL A 44 -5.52 2.73 -11.93
CA VAL A 44 -5.06 1.71 -11.00
C VAL A 44 -4.27 0.69 -11.79
N HIS A 45 -2.99 0.57 -11.45
CA HIS A 45 -2.12 -0.43 -12.01
C HIS A 45 -2.10 -1.67 -11.10
N GLU A 46 -1.63 -2.79 -11.65
CA GLU A 46 -1.85 -4.09 -11.02
C GLU A 46 -1.13 -4.29 -9.67
N PHE A 47 0.11 -3.83 -9.55
CA PHE A 47 0.91 -4.15 -8.38
C PHE A 47 1.13 -2.97 -7.44
N GLY A 48 1.11 -3.26 -6.13
CA GLY A 48 1.51 -2.31 -5.10
C GLY A 48 2.99 -2.47 -4.78
N ASP A 49 3.79 -2.57 -5.84
CA ASP A 49 5.22 -2.82 -5.72
C ASP A 49 5.98 -1.53 -6.04
N THR A 50 6.66 -0.97 -5.05
CA THR A 50 7.41 0.25 -5.26
C THR A 50 8.91 0.04 -5.23
N THR A 51 9.35 -1.20 -5.42
CA THR A 51 10.78 -1.53 -5.38
C THR A 51 11.55 -0.83 -6.51
N GLN A 52 10.86 -0.52 -7.60
CA GLN A 52 11.49 0.20 -8.68
C GLN A 52 10.68 1.45 -9.01
N GLY A 53 10.47 2.28 -7.99
CA GLY A 53 9.64 3.45 -8.13
C GLY A 53 8.27 3.04 -8.65
N CYS A 54 7.77 3.81 -9.61
CA CYS A 54 6.47 3.53 -10.22
C CYS A 54 6.53 2.46 -11.31
N THR A 55 7.73 2.12 -11.73
CA THR A 55 7.88 1.10 -12.76
C THR A 55 7.33 -0.26 -12.29
N SER A 56 7.60 -0.62 -11.04
CA SER A 56 7.19 -1.92 -10.52
C SER A 56 5.69 -2.04 -10.28
N ALA A 57 4.95 -0.97 -10.57
CA ALA A 57 3.48 -1.00 -10.46
C ALA A 57 2.86 -1.89 -11.53
N GLY A 58 3.68 -2.29 -12.51
CA GLY A 58 3.20 -3.14 -13.57
C GLY A 58 2.27 -2.39 -14.51
N ALA A 59 1.39 -3.13 -15.18
CA ALA A 59 0.45 -2.55 -16.15
C ALA A 59 -0.91 -2.31 -15.51
N HIS A 60 -1.91 -1.92 -16.30
CA HIS A 60 -3.24 -1.58 -15.74
C HIS A 60 -3.94 -2.79 -15.13
N PHE A 61 -4.62 -2.57 -14.00
CA PHE A 61 -5.36 -3.65 -13.37
C PHE A 61 -6.48 -4.08 -14.33
N ASN A 62 -6.38 -5.31 -14.83
CA ASN A 62 -7.24 -5.80 -15.91
C ASN A 62 -7.57 -7.28 -15.72
N PRO A 63 -8.34 -7.62 -14.65
CA PRO A 63 -8.57 -9.03 -14.34
C PRO A 63 -9.43 -9.74 -15.36
N HIS A 64 -10.17 -8.97 -16.17
CA HIS A 64 -11.08 -9.57 -17.15
C HIS A 64 -10.56 -9.47 -18.56
N GLY A 65 -9.26 -9.28 -18.72
CA GLY A 65 -8.60 -9.30 -20.02
C GLY A 65 -9.23 -8.45 -21.12
N LYS A 66 -9.62 -7.23 -20.79
CA LYS A 66 -10.25 -6.33 -21.76
C LYS A 66 -9.22 -5.37 -22.32
N ASN A 67 -9.56 -4.71 -23.43
CA ASN A 67 -8.77 -3.57 -23.90
C ASN A 67 -8.94 -2.34 -23.04
N HIS A 68 -7.97 -1.42 -23.12
CA HIS A 68 -8.07 -0.14 -22.45
C HIS A 68 -9.25 0.69 -23.01
N GLY A 69 -9.96 1.40 -22.13
CA GLY A 69 -11.01 2.32 -22.58
C GLY A 69 -11.19 3.48 -21.62
N ALA A 70 -12.07 4.43 -21.95
CA ALA A 70 -12.49 5.48 -20.99
C ALA A 70 -13.27 4.81 -19.85
N PRO A 71 -13.39 5.51 -18.71
CA PRO A 71 -14.12 4.98 -17.55
C PRO A 71 -15.58 4.61 -17.85
N ASP A 72 -16.22 5.36 -18.74
CA ASP A 72 -17.62 5.11 -19.10
C ASP A 72 -17.77 4.37 -20.42
N ALA A 73 -16.72 3.71 -20.89
CA ALA A 73 -16.75 3.08 -22.22
C ALA A 73 -17.36 1.68 -22.19
N ALA A 74 -17.69 1.16 -23.38
CA ALA A 74 -18.31 -0.16 -23.46
C ALA A 74 -17.35 -1.22 -22.93
N GLU A 75 -16.08 -0.99 -23.20
CA GLU A 75 -15.02 -1.90 -22.83
C GLU A 75 -13.85 -1.12 -22.26
N ARG A 76 -13.39 -1.55 -21.08
CA ARG A 76 -12.29 -0.88 -20.39
C ARG A 76 -11.61 -1.85 -19.43
N HIS A 77 -10.42 -1.45 -18.97
CA HIS A 77 -9.75 -2.14 -17.87
C HIS A 77 -10.45 -1.72 -16.58
N VAL A 78 -10.51 -2.62 -15.60
CA VAL A 78 -11.04 -2.26 -14.30
C VAL A 78 -10.39 -0.96 -13.81
N GLY A 79 -9.08 -0.85 -14.00
CA GLY A 79 -8.31 0.23 -13.42
C GLY A 79 -8.36 1.56 -14.17
N ASP A 80 -9.16 1.61 -15.22
CA ASP A 80 -9.18 2.78 -16.10
C ASP A 80 -10.09 3.82 -15.50
N LEU A 81 -9.48 4.88 -14.96
CA LEU A 81 -10.27 5.95 -14.33
C LEU A 81 -10.07 7.25 -15.08
N GLY A 82 -9.61 7.16 -16.32
CA GLY A 82 -9.64 8.29 -17.22
C GLY A 82 -8.57 9.34 -16.98
N ASN A 83 -8.99 10.60 -16.95
CA ASN A 83 -8.08 11.75 -16.88
C ASN A 83 -8.32 12.63 -15.67
N VAL A 84 -7.22 13.15 -15.13
CA VAL A 84 -7.25 14.21 -14.14
C VAL A 84 -6.86 15.48 -14.87
N THR A 85 -7.52 16.57 -14.54
CA THR A 85 -7.24 17.84 -15.22
C THR A 85 -6.55 18.80 -14.26
N ALA A 86 -5.33 19.19 -14.62
CA ALA A 86 -4.51 20.11 -13.83
C ALA A 86 -4.64 21.53 -14.35
N GLY A 87 -4.87 22.46 -13.42
CA GLY A 87 -5.03 23.86 -13.75
C GLY A 87 -3.71 24.52 -14.12
N ALA A 88 -3.77 25.81 -14.43
CA ALA A 88 -2.61 26.55 -14.94
C ALA A 88 -1.54 26.71 -13.87
N ASP A 89 -1.93 26.55 -12.61
CA ASP A 89 -0.98 26.63 -11.50
C ASP A 89 -0.56 25.25 -10.96
N GLY A 90 -0.91 24.18 -11.68
CA GLY A 90 -0.43 22.86 -11.32
C GLY A 90 -1.32 22.07 -10.38
N LYS A 91 -2.31 22.74 -9.79
CA LYS A 91 -3.30 22.10 -8.93
C LYS A 91 -4.29 21.25 -9.72
N ALA A 92 -4.74 20.15 -9.13
CA ALA A 92 -5.84 19.40 -9.73
C ALA A 92 -6.73 18.77 -8.68
N THR A 93 -7.99 18.60 -9.06
CA THR A 93 -8.99 17.97 -8.21
C THR A 93 -9.86 17.08 -9.07
N LEU A 94 -10.20 15.91 -8.54
CA LEU A 94 -11.12 15.02 -9.20
C LEU A 94 -12.08 14.41 -8.19
N ASP A 95 -13.31 14.20 -8.62
CA ASP A 95 -14.34 13.59 -7.79
C ASP A 95 -15.17 12.80 -8.77
N LEU A 96 -14.96 11.48 -8.79
CA LEU A 96 -15.68 10.63 -9.72
C LEU A 96 -16.15 9.37 -9.04
N THR A 97 -17.31 8.90 -9.47
CA THR A 97 -17.89 7.68 -8.96
C THR A 97 -17.68 6.61 -9.99
N ASP A 98 -17.18 5.46 -9.56
CA ASP A 98 -16.90 4.38 -10.48
C ASP A 98 -17.51 3.11 -9.94
N LYS A 99 -17.99 2.28 -10.84
CA LYS A 99 -18.68 1.06 -10.44
C LYS A 99 -17.96 -0.15 -10.99
N MET A 100 -16.75 0.05 -11.49
CA MET A 100 -15.91 -1.05 -11.94
C MET A 100 -14.95 -1.49 -10.83
N ILE A 101 -14.17 -0.54 -10.34
CA ILE A 101 -13.29 -0.80 -9.21
C ILE A 101 -14.09 -1.12 -7.96
N SER A 102 -13.42 -1.72 -6.98
CA SER A 102 -14.01 -2.05 -5.71
C SER A 102 -12.92 -2.01 -4.66
N LEU A 103 -13.31 -1.91 -3.40
CA LEU A 103 -12.36 -2.11 -2.31
C LEU A 103 -12.47 -3.53 -1.76
N THR A 104 -13.20 -4.40 -2.49
CA THR A 104 -13.38 -5.78 -2.04
C THR A 104 -13.62 -6.77 -3.17
N GLY A 105 -13.26 -8.03 -2.94
CA GLY A 105 -13.50 -9.08 -3.92
C GLY A 105 -12.57 -9.02 -5.12
N GLU A 106 -12.98 -9.64 -6.21
CA GLU A 106 -12.12 -9.81 -7.38
C GLU A 106 -11.67 -8.47 -7.96
N HIS A 107 -12.51 -7.45 -7.88
CA HIS A 107 -12.13 -6.11 -8.38
C HIS A 107 -11.46 -5.22 -7.33
N SER A 108 -11.16 -5.78 -6.16
CA SER A 108 -10.52 -4.95 -5.13
C SER A 108 -9.26 -4.31 -5.64
N VAL A 109 -9.12 -3.03 -5.35
CA VAL A 109 -7.93 -2.30 -5.70
C VAL A 109 -7.01 -2.09 -4.49
N ILE A 110 -7.40 -2.62 -3.34
CA ILE A 110 -6.54 -2.54 -2.15
C ILE A 110 -5.15 -3.10 -2.47
N GLY A 111 -4.12 -2.32 -2.19
CA GLY A 111 -2.78 -2.86 -2.27
C GLY A 111 -2.24 -2.87 -3.69
N ARG A 112 -3.01 -2.32 -4.62
CA ARG A 112 -2.51 -2.10 -5.95
C ARG A 112 -2.07 -0.66 -5.96
N SER A 113 -1.56 -0.17 -7.08
CA SER A 113 -1.09 1.21 -7.15
C SER A 113 -2.01 2.15 -7.92
N LEU A 114 -1.98 3.41 -7.51
CA LEU A 114 -2.61 4.47 -8.28
C LEU A 114 -1.50 5.13 -9.05
N VAL A 115 -1.69 5.35 -10.34
CA VAL A 115 -0.67 6.07 -11.11
C VAL A 115 -1.25 7.28 -11.85
N ILE A 116 -0.48 8.36 -11.92
CA ILE A 116 -0.83 9.48 -12.76
C ILE A 116 0.29 9.71 -13.78
N HIS A 117 -0.10 10.04 -15.02
CA HIS A 117 0.83 10.01 -16.15
C HIS A 117 1.21 11.40 -16.64
N VAL A 118 2.33 11.50 -17.38
CA VAL A 118 2.74 12.80 -17.88
C VAL A 118 1.82 13.30 -18.99
N ASP A 119 1.29 12.38 -19.79
CA ASP A 119 0.43 12.78 -20.89
C ASP A 119 -1.01 12.36 -20.64
N PRO A 120 -1.93 12.86 -21.47
CA PRO A 120 -3.35 12.51 -21.32
C PRO A 120 -3.62 11.07 -21.74
N ASP A 121 -4.63 10.47 -21.11
CA ASP A 121 -5.19 9.20 -21.55
C ASP A 121 -6.09 9.47 -22.77
N ASP A 122 -5.71 8.96 -23.94
CA ASP A 122 -6.54 9.13 -25.15
C ASP A 122 -7.75 8.20 -25.16
N LEU A 123 -8.07 7.61 -24.01
CA LEU A 123 -9.28 6.78 -23.86
C LEU A 123 -9.41 5.65 -24.89
N GLY A 124 -8.29 5.19 -25.44
CA GLY A 124 -8.29 4.07 -26.36
C GLY A 124 -8.70 4.42 -27.78
N LEU A 125 -8.70 5.71 -28.08
CA LEU A 125 -9.19 6.17 -29.37
C LEU A 125 -8.12 6.91 -30.15
N GLY A 126 -6.94 7.09 -29.56
CA GLY A 126 -5.94 7.94 -30.18
C GLY A 126 -5.31 7.33 -31.43
N GLY A 127 -5.68 6.07 -31.71
CA GLY A 127 -5.17 5.37 -32.87
C GLY A 127 -3.67 5.13 -32.89
N HIS A 128 -3.07 5.06 -31.71
CA HIS A 128 -1.64 4.81 -31.60
C HIS A 128 -1.45 3.40 -31.08
N GLU A 129 -0.25 2.85 -31.24
CA GLU A 129 -0.01 1.47 -30.89
C GLU A 129 -0.39 1.18 -29.43
N LEU A 130 -0.18 2.14 -28.54
CA LEU A 130 -0.47 1.94 -27.12
C LEU A 130 -1.87 2.39 -26.70
N SER A 131 -2.65 2.90 -27.64
CA SER A 131 -3.97 3.42 -27.28
C SER A 131 -4.87 2.42 -26.52
N LEU A 132 -4.99 1.21 -27.05
CA LEU A 132 -5.87 0.20 -26.47
C LEU A 132 -5.19 -0.61 -25.35
N ILE A 133 -3.96 -0.22 -25.01
CA ILE A 133 -3.19 -0.86 -23.94
C ILE A 133 -3.13 0.05 -22.72
N THR A 134 -2.65 1.27 -22.94
CA THR A 134 -2.43 2.20 -21.86
C THR A 134 -3.13 3.53 -22.12
N GLY A 135 -3.75 3.66 -23.28
CA GLY A 135 -4.30 4.96 -23.68
C GLY A 135 -3.20 5.94 -24.06
N ASN A 136 -2.00 5.40 -24.29
CA ASN A 136 -0.87 6.20 -24.75
C ASN A 136 -0.51 7.38 -23.83
N ALA A 137 -0.63 7.15 -22.53
CA ALA A 137 -0.52 8.24 -21.56
C ALA A 137 0.92 8.54 -21.14
N GLY A 138 1.87 7.87 -21.78
CA GLY A 138 3.28 8.14 -21.54
C GLY A 138 3.82 7.67 -20.20
N GLY A 139 4.83 8.38 -19.72
CA GLY A 139 5.54 7.97 -18.51
C GLY A 139 4.74 8.20 -17.25
N ARG A 140 5.38 7.99 -16.11
CA ARG A 140 4.69 8.06 -14.84
C ARG A 140 5.26 9.18 -13.97
N VAL A 141 4.41 10.15 -13.64
CA VAL A 141 4.79 11.33 -12.87
C VAL A 141 4.79 11.03 -11.37
N ALA A 142 3.94 10.10 -10.97
CA ALA A 142 3.72 9.82 -9.56
C ALA A 142 2.82 8.60 -9.35
N CYS A 143 2.96 7.96 -8.19
CA CYS A 143 2.11 6.83 -7.84
C CYS A 143 2.06 6.63 -6.34
N GLY A 144 1.21 5.70 -5.93
CA GLY A 144 1.11 5.30 -4.54
C GLY A 144 0.36 4.00 -4.42
N ILE A 145 0.50 3.36 -3.27
CA ILE A 145 -0.17 2.11 -2.99
C ILE A 145 -1.49 2.46 -2.30
N ILE A 146 -2.54 1.72 -2.62
CA ILE A 146 -3.87 2.01 -2.09
C ILE A 146 -4.08 1.19 -0.84
N GLY A 147 -4.16 1.86 0.31
CA GLY A 147 -4.20 1.18 1.58
C GLY A 147 -5.55 1.25 2.26
N ILE A 148 -5.81 0.30 3.16
CA ILE A 148 -7.03 0.28 3.95
C ILE A 148 -7.01 1.49 4.88
N ALA A 149 -8.15 2.16 5.02
CA ALA A 149 -8.21 3.34 5.87
C ALA A 149 -9.26 3.15 6.97
N LYS A 150 -9.24 4.03 7.98
CA LYS A 150 -10.26 4.01 9.02
C LYS A 150 -11.65 4.25 8.39
N SER A 151 -12.52 3.25 8.51
CA SER A 151 -13.77 3.24 7.76
C SER A 151 -14.83 4.11 8.42
N GLU A 152 -14.68 4.30 9.73
CA GLU A 152 -15.55 5.19 10.50
C GLU A 152 -17.03 4.93 10.22
N MET B 1 0.63 -16.58 -4.22
CA MET B 1 0.32 -15.18 -3.95
C MET B 1 1.51 -14.45 -3.30
N LYS B 2 1.84 -13.26 -3.79
CA LYS B 2 3.01 -12.53 -3.31
C LYS B 2 2.72 -11.08 -2.91
N ALA B 3 3.42 -10.62 -1.88
CA ALA B 3 3.30 -9.23 -1.44
C ALA B 3 4.66 -8.61 -1.15
N VAL B 4 4.76 -7.30 -1.34
CA VAL B 4 5.96 -6.59 -0.94
C VAL B 4 5.64 -5.34 -0.12
N CYS B 5 6.53 -4.98 0.79
CA CYS B 5 6.38 -3.74 1.54
C CYS B 5 7.72 -3.04 1.64
N VAL B 6 7.83 -1.88 1.00
CA VAL B 6 8.99 -1.01 1.13
C VAL B 6 8.83 -0.01 2.30
N MET B 7 9.73 -0.07 3.27
CA MET B 7 9.58 0.71 4.50
C MET B 7 10.54 1.90 4.61
N ARG B 8 10.02 3.02 5.08
CA ARG B 8 10.81 4.25 5.21
C ARG B 8 10.34 5.03 6.43
N GLY B 9 11.19 5.91 6.93
CA GLY B 9 10.86 6.74 8.05
C GLY B 9 12.01 7.65 8.39
N GLU B 10 12.69 7.34 9.49
CA GLU B 10 13.84 8.13 9.95
C GLU B 10 14.99 8.02 8.95
N GLU B 11 15.70 9.13 8.74
CA GLU B 11 16.78 9.18 7.75
C GLU B 11 17.74 8.00 7.88
N GLY B 12 18.07 7.38 6.76
CA GLY B 12 18.99 6.26 6.75
C GLY B 12 18.32 4.90 6.91
N VAL B 13 17.13 4.88 7.51
CA VAL B 13 16.46 3.61 7.73
C VAL B 13 15.80 3.13 6.45
N LYS B 14 16.18 1.94 6.00
CA LYS B 14 15.56 1.39 4.80
C LYS B 14 15.19 -0.09 5.03
N GLY B 15 14.03 -0.47 4.52
CA GLY B 15 13.53 -1.81 4.70
C GLY B 15 12.73 -2.26 3.49
N VAL B 16 13.01 -3.47 3.04
CA VAL B 16 12.16 -4.17 2.08
C VAL B 16 11.69 -5.50 2.69
N VAL B 17 10.44 -5.89 2.43
CA VAL B 17 9.86 -7.08 3.05
C VAL B 17 8.97 -7.85 2.10
N HIS B 18 9.39 -9.07 1.76
CA HIS B 18 8.63 -9.92 0.86
C HIS B 18 7.79 -10.95 1.62
N PHE B 19 6.60 -11.19 1.10
CA PHE B 19 5.67 -12.17 1.65
C PHE B 19 5.35 -13.17 0.54
N THR B 20 5.10 -14.42 0.90
CA THR B 20 4.71 -15.44 -0.08
C THR B 20 3.71 -16.42 0.56
N GLN B 21 2.51 -16.51 -0.01
CA GLN B 21 1.51 -17.37 0.60
C GLN B 21 1.80 -18.81 0.25
N ALA B 22 1.96 -19.64 1.27
CA ALA B 22 2.37 -21.02 1.07
C ALA B 22 1.39 -21.98 1.72
N GLY B 23 0.28 -22.26 1.06
CA GLY B 23 -0.72 -23.13 1.64
C GLY B 23 -1.47 -22.35 2.71
N ASP B 24 -1.33 -22.77 3.98
CA ASP B 24 -2.01 -22.06 5.05
C ASP B 24 -1.07 -21.14 5.82
N ALA B 25 0.17 -21.04 5.40
CA ALA B 25 1.12 -20.17 6.07
C ALA B 25 1.66 -19.12 5.13
N VAL B 26 2.23 -18.06 5.69
CA VAL B 26 2.87 -17.03 4.89
C VAL B 26 4.34 -16.99 5.24
N LYS B 27 5.20 -17.01 4.22
CA LYS B 27 6.61 -16.86 4.46
C LYS B 27 7.02 -15.40 4.28
N VAL B 28 7.74 -14.91 5.29
CA VAL B 28 8.16 -13.52 5.34
C VAL B 28 9.69 -13.40 5.28
N HIS B 29 10.16 -12.59 4.35
CA HIS B 29 11.59 -12.30 4.24
C HIS B 29 11.81 -10.80 4.32
N ALA B 30 12.40 -10.35 5.41
CA ALA B 30 12.56 -8.92 5.63
C ALA B 30 14.01 -8.55 5.83
N GLU B 31 14.42 -7.43 5.24
CA GLU B 31 15.78 -6.92 5.38
C GLU B 31 15.73 -5.43 5.67
N PHE B 32 16.65 -4.97 6.51
CA PHE B 32 16.78 -3.58 6.92
C PHE B 32 18.24 -3.16 7.00
N GLU B 33 18.46 -1.87 6.78
CA GLU B 33 19.72 -1.21 7.08
C GLU B 33 19.41 0.11 7.78
N GLY B 34 20.40 0.71 8.42
CA GLY B 34 20.19 1.98 9.08
C GLY B 34 19.52 1.88 10.44
N LEU B 35 19.41 0.66 10.98
CA LEU B 35 18.87 0.49 12.32
C LEU B 35 19.93 0.65 13.42
N LYS B 36 19.48 1.07 14.60
CA LYS B 36 20.29 1.01 15.79
C LYS B 36 20.48 -0.46 16.21
N PRO B 37 21.73 -0.87 16.42
CA PRO B 37 22.05 -2.24 16.83
C PRO B 37 21.17 -2.68 18.00
N GLY B 38 20.63 -3.90 17.95
CA GLY B 38 19.72 -4.36 18.99
C GLY B 38 18.38 -4.81 18.44
N LYS B 39 17.40 -5.03 19.31
CA LYS B 39 16.13 -5.60 18.86
C LYS B 39 15.08 -4.53 18.64
N HIS B 40 14.31 -4.70 17.57
CA HIS B 40 13.26 -3.75 17.23
C HIS B 40 11.93 -4.46 16.98
N GLY B 41 10.89 -4.04 17.69
CA GLY B 41 9.55 -4.58 17.46
C GLY B 41 9.10 -4.39 16.01
N PHE B 42 8.36 -5.36 15.50
CA PHE B 42 8.08 -5.48 14.07
C PHE B 42 6.66 -6.00 13.95
N HIS B 43 5.74 -5.18 13.44
CA HIS B 43 4.32 -5.51 13.47
C HIS B 43 3.57 -5.12 12.21
N VAL B 44 2.48 -5.82 11.95
CA VAL B 44 1.51 -5.38 10.97
C VAL B 44 0.52 -4.54 11.75
N HIS B 45 0.48 -3.25 11.44
CA HIS B 45 -0.53 -2.36 12.01
C HIS B 45 -1.69 -2.28 11.04
N GLU B 46 -2.81 -1.80 11.55
CA GLU B 46 -4.13 -1.96 10.94
C GLU B 46 -4.34 -1.24 9.60
N PHE B 47 -3.88 0.01 9.51
CA PHE B 47 -4.22 0.83 8.35
C PHE B 47 -3.05 1.05 7.42
N GLY B 48 -3.37 1.15 6.13
CA GLY B 48 -2.39 1.47 5.11
C GLY B 48 -2.41 2.96 4.82
N ASP B 49 -2.49 3.73 5.89
CA ASP B 49 -2.67 5.17 5.80
C ASP B 49 -1.38 5.92 6.18
N THR B 50 -0.75 6.60 5.22
CA THR B 50 0.48 7.32 5.53
C THR B 50 0.28 8.83 5.42
N THR B 51 -0.97 9.28 5.55
CA THR B 51 -1.27 10.70 5.48
C THR B 51 -0.63 11.42 6.66
N GLN B 52 -0.35 10.68 7.73
CA GLN B 52 0.36 11.24 8.86
C GLN B 52 1.63 10.44 9.17
N GLY B 53 2.39 10.14 8.13
CA GLY B 53 3.56 9.30 8.28
C GLY B 53 3.18 7.98 8.90
N CYS B 54 3.99 7.51 9.83
CA CYS B 54 3.76 6.19 10.41
C CYS B 54 2.61 6.22 11.41
N THR B 55 2.33 7.41 11.92
CA THR B 55 1.27 7.63 12.91
C THR B 55 -0.12 7.17 12.44
N SER B 56 -0.45 7.46 11.18
CA SER B 56 -1.76 7.09 10.62
C SER B 56 -1.95 5.58 10.34
N ALA B 57 -0.90 4.80 10.55
CA ALA B 57 -0.98 3.34 10.38
C ALA B 57 -1.89 2.68 11.42
N GLY B 58 -2.27 3.44 12.44
CA GLY B 58 -3.06 2.90 13.54
C GLY B 58 -2.30 1.93 14.44
N ALA B 59 -3.07 1.05 15.07
CA ALA B 59 -2.53 0.10 16.04
C ALA B 59 -2.32 -1.27 15.40
N HIS B 60 -1.92 -2.25 16.21
CA HIS B 60 -1.66 -3.61 15.72
C HIS B 60 -2.91 -4.23 15.08
N PHE B 61 -2.76 -4.76 13.88
CA PHE B 61 -3.87 -5.46 13.25
C PHE B 61 -4.32 -6.61 14.17
N ASN B 62 -5.49 -6.43 14.77
CA ASN B 62 -6.02 -7.35 15.76
C ASN B 62 -7.51 -7.59 15.52
N PRO B 63 -7.85 -8.39 14.49
CA PRO B 63 -9.29 -8.55 14.22
C PRO B 63 -9.98 -9.39 15.28
N HIS B 64 -9.21 -10.01 16.17
CA HIS B 64 -9.78 -10.87 17.19
C HIS B 64 -9.73 -10.26 18.60
N GLY B 65 -9.28 -9.00 18.67
CA GLY B 65 -9.25 -8.24 19.90
C GLY B 65 -8.51 -8.90 21.04
N LYS B 66 -7.62 -9.84 20.73
CA LYS B 66 -6.86 -10.55 21.76
C LYS B 66 -5.71 -9.69 22.33
N ASN B 67 -4.96 -10.24 23.28
CA ASN B 67 -3.83 -9.49 23.83
C ASN B 67 -2.61 -9.58 22.92
N HIS B 68 -1.78 -8.54 22.95
CA HIS B 68 -0.49 -8.57 22.28
C HIS B 68 0.34 -9.73 22.82
N GLY B 69 1.15 -10.33 21.94
CA GLY B 69 2.02 -11.41 22.38
C GLY B 69 3.09 -11.70 21.36
N ALA B 70 3.89 -12.73 21.62
CA ALA B 70 4.94 -13.16 20.71
C ALA B 70 4.34 -13.91 19.51
N PRO B 71 5.08 -13.97 18.40
CA PRO B 71 4.64 -14.70 17.21
C PRO B 71 4.26 -16.12 17.57
N ASP B 72 4.97 -16.69 18.55
CA ASP B 72 4.80 -18.09 18.87
C ASP B 72 3.91 -18.28 20.08
N ALA B 73 3.29 -17.21 20.55
CA ALA B 73 2.51 -17.30 21.77
C ALA B 73 1.09 -17.76 21.50
N ALA B 74 0.37 -18.12 22.56
CA ALA B 74 -1.01 -18.56 22.44
C ALA B 74 -1.88 -17.35 22.22
N GLU B 75 -1.73 -16.36 23.10
CA GLU B 75 -2.41 -15.08 22.94
C GLU B 75 -1.51 -14.12 22.18
N ARG B 76 -2.00 -13.63 21.04
CA ARG B 76 -1.33 -12.59 20.29
C ARG B 76 -2.28 -11.99 19.27
N HIS B 77 -1.88 -10.85 18.71
CA HIS B 77 -2.60 -10.22 17.61
C HIS B 77 -2.22 -10.91 16.31
N VAL B 78 -3.08 -10.83 15.31
CA VAL B 78 -2.71 -11.34 13.99
C VAL B 78 -1.42 -10.68 13.53
N GLY B 79 -1.22 -9.42 13.92
CA GLY B 79 -0.11 -8.65 13.42
C GLY B 79 1.17 -8.70 14.23
N ASP B 80 1.28 -9.66 15.16
CA ASP B 80 2.46 -9.71 16.04
C ASP B 80 3.61 -10.55 15.49
N LEU B 81 4.59 -9.88 14.92
CA LEU B 81 5.69 -10.59 14.27
C LEU B 81 7.01 -10.45 15.04
N GLY B 82 6.93 -10.06 16.31
CA GLY B 82 8.10 -10.10 17.18
C GLY B 82 9.11 -8.98 16.99
N ASN B 83 10.39 -9.33 17.10
CA ASN B 83 11.49 -8.39 16.97
C ASN B 83 12.35 -8.68 15.75
N VAL B 84 12.86 -7.61 15.14
CA VAL B 84 13.92 -7.73 14.15
C VAL B 84 15.23 -7.41 14.87
N THR B 85 16.25 -8.23 14.70
CA THR B 85 17.50 -7.96 15.39
C THR B 85 18.54 -7.30 14.50
N ALA B 86 18.86 -6.05 14.81
CA ALA B 86 19.86 -5.29 14.07
C ALA B 86 21.28 -5.59 14.58
N GLY B 87 22.16 -6.01 13.68
CA GLY B 87 23.54 -6.30 14.02
C GLY B 87 24.35 -5.02 14.24
N ALA B 88 25.64 -5.17 14.51
CA ALA B 88 26.50 -4.00 14.78
C ALA B 88 26.57 -3.05 13.58
N ASP B 89 26.50 -3.61 12.38
CA ASP B 89 26.52 -2.78 11.18
C ASP B 89 25.15 -2.13 10.92
N GLY B 90 24.23 -2.23 11.88
CA GLY B 90 22.92 -1.60 11.75
C GLY B 90 22.00 -2.26 10.74
N LYS B 91 22.32 -3.49 10.36
CA LYS B 91 21.56 -4.20 9.34
C LYS B 91 20.87 -5.41 9.95
N ALA B 92 19.74 -5.79 9.36
CA ALA B 92 19.01 -6.94 9.85
C ALA B 92 18.31 -7.75 8.76
N THR B 93 18.23 -9.05 8.99
CA THR B 93 17.46 -9.96 8.15
C THR B 93 16.58 -10.77 9.08
N LEU B 94 15.36 -11.05 8.65
CA LEU B 94 14.43 -11.83 9.45
C LEU B 94 13.58 -12.66 8.53
N ASP B 95 13.61 -13.97 8.75
CA ASP B 95 12.75 -14.88 8.02
C ASP B 95 11.84 -15.58 8.99
N LEU B 96 10.57 -15.70 8.62
CA LEU B 96 9.65 -16.44 9.44
C LEU B 96 8.48 -17.01 8.65
N THR B 97 7.83 -17.98 9.28
CA THR B 97 6.62 -18.55 8.74
C THR B 97 5.50 -18.22 9.74
N ASP B 98 4.42 -17.62 9.24
CA ASP B 98 3.37 -17.21 10.13
C ASP B 98 2.04 -17.72 9.57
N LYS B 99 1.30 -18.44 10.41
CA LYS B 99 0.02 -18.96 9.98
C LYS B 99 -1.09 -18.08 10.52
N MET B 100 -0.75 -16.96 11.16
CA MET B 100 -1.76 -15.97 11.58
C MET B 100 -2.15 -15.00 10.45
N ILE B 101 -1.19 -14.24 9.95
CA ILE B 101 -1.45 -13.35 8.84
C ILE B 101 -1.84 -14.13 7.58
N SER B 102 -2.38 -13.42 6.59
CA SER B 102 -2.67 -14.03 5.30
C SER B 102 -2.54 -12.99 4.20
N LEU B 103 -2.33 -13.45 2.98
CA LEU B 103 -2.38 -12.55 1.84
C LEU B 103 -3.78 -12.57 1.19
N THR B 104 -4.70 -13.27 1.83
CA THR B 104 -6.10 -13.29 1.38
C THR B 104 -7.05 -13.67 2.50
N GLY B 105 -8.32 -13.30 2.35
CA GLY B 105 -9.32 -13.59 3.35
C GLY B 105 -9.31 -12.55 4.44
N GLU B 106 -10.01 -12.83 5.53
CA GLU B 106 -10.23 -11.85 6.59
C GLU B 106 -8.93 -11.54 7.34
N HIS B 107 -7.95 -12.41 7.31
CA HIS B 107 -6.67 -12.11 7.94
C HIS B 107 -5.70 -11.48 6.98
N SER B 108 -6.20 -11.07 5.82
CA SER B 108 -5.31 -10.48 4.83
C SER B 108 -4.66 -9.21 5.38
N VAL B 109 -3.42 -9.01 5.00
CA VAL B 109 -2.65 -7.89 5.48
C VAL B 109 -2.33 -7.01 4.29
N ILE B 110 -2.92 -7.35 3.15
CA ILE B 110 -2.81 -6.53 1.95
C ILE B 110 -3.43 -5.16 2.20
N GLY B 111 -2.67 -4.13 1.85
CA GLY B 111 -3.16 -2.77 2.01
C GLY B 111 -3.09 -2.29 3.45
N ARG B 112 -2.56 -3.12 4.34
CA ARG B 112 -2.26 -2.66 5.69
C ARG B 112 -0.80 -2.21 5.73
N SER B 113 -0.25 -2.02 6.93
N SER B 113 -0.25 -1.99 6.93
CA SER B 113 1.09 -1.46 7.06
CA SER B 113 1.10 -1.46 7.04
C SER B 113 2.03 -2.33 7.90
C SER B 113 2.03 -2.36 7.87
N LEU B 114 3.33 -2.19 7.62
CA LEU B 114 4.35 -2.81 8.42
C LEU B 114 4.98 -1.66 9.18
N VAL B 115 5.23 -1.87 10.46
CA VAL B 115 5.91 -0.84 11.24
C VAL B 115 7.05 -1.44 12.05
N ILE B 116 8.24 -0.86 11.92
CA ILE B 116 9.33 -1.26 12.79
C ILE B 116 9.64 -0.16 13.82
N HIS B 117 9.85 -0.60 15.06
CA HIS B 117 9.87 0.28 16.22
C HIS B 117 11.25 0.63 16.79
N VAL B 118 11.28 1.67 17.62
CA VAL B 118 12.50 2.18 18.24
C VAL B 118 13.12 1.14 19.18
N ASP B 119 12.32 0.65 20.13
CA ASP B 119 12.72 -0.32 21.14
C ASP B 119 12.19 -1.72 20.82
N PRO B 120 12.64 -2.71 21.62
CA PRO B 120 12.22 -4.11 21.49
C PRO B 120 10.78 -4.31 21.89
N ASP B 121 10.17 -5.32 21.28
CA ASP B 121 8.86 -5.82 21.67
C ASP B 121 9.08 -6.73 22.89
N ASP B 122 8.55 -6.35 24.04
CA ASP B 122 8.74 -7.16 25.25
C ASP B 122 7.81 -8.36 25.21
N LEU B 123 7.06 -8.49 24.12
CA LEU B 123 6.29 -9.70 23.83
C LEU B 123 5.12 -9.97 24.78
N GLY B 124 4.69 -8.95 25.53
CA GLY B 124 3.57 -9.09 26.45
C GLY B 124 3.97 -9.47 27.86
N LEU B 125 5.28 -9.54 28.09
CA LEU B 125 5.83 -10.06 29.33
C LEU B 125 6.58 -9.02 30.13
N GLY B 126 6.55 -7.77 29.66
CA GLY B 126 7.40 -6.74 30.24
C GLY B 126 6.91 -6.26 31.59
N GLY B 127 5.66 -6.55 31.93
CA GLY B 127 5.07 -6.05 33.16
C GLY B 127 4.72 -4.59 33.14
N HIS B 128 4.67 -4.01 31.95
CA HIS B 128 4.33 -2.60 31.74
C HIS B 128 2.93 -2.58 31.14
N GLU B 129 2.14 -1.56 31.47
CA GLU B 129 0.75 -1.53 31.02
C GLU B 129 0.65 -1.65 29.50
N LEU B 130 1.68 -1.22 28.79
CA LEU B 130 1.70 -1.28 27.33
C LEU B 130 2.03 -2.67 26.79
N SER B 131 2.60 -3.52 27.64
CA SER B 131 3.05 -4.86 27.28
C SER B 131 2.04 -5.74 26.51
N LEU B 132 0.82 -5.82 27.01
CA LEU B 132 -0.21 -6.65 26.38
C LEU B 132 -0.98 -5.84 25.35
N ILE B 133 -0.46 -4.66 25.04
CA ILE B 133 -1.13 -3.81 24.09
C ILE B 133 -0.25 -3.59 22.86
N THR B 134 0.94 -3.07 23.07
CA THR B 134 1.90 -2.85 21.98
C THR B 134 3.22 -3.61 22.16
N GLY B 135 3.45 -4.15 23.35
CA GLY B 135 4.71 -4.76 23.68
C GLY B 135 5.71 -3.71 24.14
N ASN B 136 5.22 -2.50 24.35
CA ASN B 136 6.04 -1.37 24.83
C ASN B 136 7.27 -1.08 23.95
N ALA B 137 7.08 -1.14 22.64
CA ALA B 137 8.21 -1.02 21.70
C ALA B 137 8.49 0.41 21.30
N GLY B 138 7.82 1.36 21.95
CA GLY B 138 8.10 2.76 21.73
C GLY B 138 7.68 3.24 20.34
N GLY B 139 8.35 4.29 19.87
CA GLY B 139 7.97 4.97 18.65
C GLY B 139 8.29 4.23 17.36
N ARG B 140 7.81 4.79 16.25
CA ARG B 140 7.87 4.15 14.93
C ARG B 140 8.97 4.71 14.04
N VAL B 141 10.00 3.90 13.83
CA VAL B 141 11.20 4.31 13.12
C VAL B 141 11.00 4.30 11.60
N ALA B 142 10.30 3.28 11.12
CA ALA B 142 9.91 3.24 9.73
C ALA B 142 8.65 2.43 9.60
N CYS B 143 7.96 2.61 8.48
CA CYS B 143 6.70 1.91 8.21
C CYS B 143 6.55 1.85 6.72
N GLY B 144 5.57 1.09 6.24
CA GLY B 144 5.31 1.02 4.82
C GLY B 144 4.03 0.27 4.57
N ILE B 145 3.49 0.43 3.36
CA ILE B 145 2.24 -0.22 2.96
C ILE B 145 2.48 -1.56 2.27
N ILE B 146 1.67 -2.54 2.63
CA ILE B 146 1.78 -3.87 2.04
C ILE B 146 0.98 -3.92 0.74
N GLY B 147 1.68 -3.96 -0.37
CA GLY B 147 1.06 -3.94 -1.68
C GLY B 147 1.17 -5.27 -2.40
N ILE B 148 0.20 -5.56 -3.26
CA ILE B 148 0.25 -6.78 -4.07
C ILE B 148 1.48 -6.76 -4.96
N ALA B 149 2.19 -7.90 -5.00
CA ALA B 149 3.38 -8.07 -5.83
C ALA B 149 3.16 -9.12 -6.90
N LYS B 150 4.02 -9.12 -7.92
CA LYS B 150 3.89 -10.06 -9.02
C LYS B 150 3.99 -11.50 -8.51
N SER B 151 2.88 -12.22 -8.63
CA SER B 151 2.83 -13.60 -8.17
C SER B 151 3.30 -14.49 -9.30
N GLU B 152 4.63 -14.58 -9.44
CA GLU B 152 5.25 -15.41 -10.45
C GLU B 152 5.17 -16.86 -10.02
#